data_4UGU
#
_entry.id   4UGU
#
_cell.length_a   80.297
_cell.length_b   95.013
_cell.length_c   63.083
_cell.angle_alpha   90.00
_cell.angle_beta   90.00
_cell.angle_gamma   90.00
#
_symmetry.space_group_name_H-M   'P 21 21 2'
#
loop_
_entity.id
_entity.type
_entity.pdbx_description
1 polymer 'NITRIC OXIDE SYNTHASE OXYGENASE'
2 non-polymer 'PROTOPORPHYRIN IX CONTAINING FE'
3 non-polymer 5,6,7,8-TETRAHYDROBIOPTERIN
4 non-polymer 'CHLORIDE ION'
5 non-polymer "N'-[4-[[(2S,4R)-4-[3-[(C-thiophen-2-ylcarbonimidoyl)amino]phenoxy]pyrrolidin-2-yl]methoxy]phenyl]thiophene-2-carboximidamide"
6 non-polymer GLYCEROL
7 water water
#
_entity_poly.entity_id   1
_entity_poly.type   'polypeptide(L)'
_entity_poly.pdbx_seq_one_letter_code
;MEEKEILWNEAKAFIAACYQELGKAAEVKDRLADIKSEIDLTGSYVHTKEELEHGAKMAWRNSNRCIGRLFWNSLNVIDR
RDVRTKEEVRDALFHHIETATNNGKIRPTITIFPPEEKGEKQVEIWNHQLIRYAGYESDGERIGDPASCSLTAACEELGW
RGERTDFDLLPLIFRMKGDEQPVWYELPRSLVIEVPITHPDIEAFSDLELKWYGVPIISDMKLEVGGIHYNAAPFNGWYM
GTEIGARNLADEKRYDKLKKVASVIGIAADYNTDLWKDQALVELNKAVLHSYKKQGVSIVDHHTAASQFKRFEEQAEEAG
RKLTGDWTWLIPPISPAATHIFHRSYDNSIVKPNYFYQDKPYE
;
_entity_poly.pdbx_strand_id   A
#
loop_
_chem_comp.id
_chem_comp.type
_chem_comp.name
_chem_comp.formula
CL non-polymer 'CHLORIDE ION' 'Cl -1'
GOL non-polymer GLYCEROL 'C3 H8 O3'
H4B non-polymer 5,6,7,8-TETRAHYDROBIOPTERIN 'C9 H15 N5 O3'
HEM non-polymer 'PROTOPORPHYRIN IX CONTAINING FE' 'C34 H32 Fe N4 O4'
PQW non-polymer N'-[4-[[(2S,4R)-4-[3-[(C-thiophen-2-ylcarbonimidoyl)amino]phenoxy]pyrrolidin-2-yl]methoxy]phenyl]thiophene-2-carboximidamide 'C27 H27 N5 O2 S2'
#
# COMPACT_ATOMS: atom_id res chain seq x y z
N GLU A 2 9.17 15.92 27.03
CA GLU A 2 7.95 16.04 26.24
C GLU A 2 7.62 14.77 25.44
N GLU A 3 8.64 14.19 24.81
CA GLU A 3 8.43 13.00 23.98
C GLU A 3 7.89 11.82 24.80
N LYS A 4 8.39 11.66 26.02
CA LYS A 4 7.86 10.65 26.94
C LYS A 4 6.41 10.92 27.32
N GLU A 5 6.06 12.20 27.48
CA GLU A 5 4.69 12.57 27.77
C GLU A 5 3.76 12.31 26.58
N ILE A 6 4.22 12.64 25.37
CA ILE A 6 3.44 12.33 24.17
C ILE A 6 3.20 10.84 24.10
N LEU A 7 4.22 10.06 24.42
CA LEU A 7 4.14 8.59 24.32
C LEU A 7 3.09 8.08 25.30
N TRP A 8 3.18 8.54 26.53
CA TRP A 8 2.29 8.10 27.59
C TRP A 8 0.84 8.44 27.27
N ASN A 9 0.62 9.63 26.72
CA ASN A 9 -0.74 10.07 26.38
C ASN A 9 -1.32 9.23 25.25
N GLU A 10 -0.49 8.95 24.24
CA GLU A 10 -0.95 8.13 23.12
C GLU A 10 -1.20 6.70 23.59
N ALA A 11 -0.38 6.24 24.54
CA ALA A 11 -0.51 4.89 25.07
C ALA A 11 -1.84 4.71 25.80
N LYS A 12 -2.11 5.62 26.74
CA LYS A 12 -3.39 5.66 27.45
C LYS A 12 -4.59 5.64 26.54
N ALA A 13 -4.60 6.47 25.50
CA ALA A 13 -5.74 6.51 24.60
C ALA A 13 -5.90 5.21 23.82
N PHE A 14 -4.78 4.67 23.35
CA PHE A 14 -4.84 3.47 22.51
C PHE A 14 -5.25 2.25 23.33
N ILE A 15 -4.63 2.07 24.49
CA ILE A 15 -4.90 0.89 25.31
C ILE A 15 -6.37 0.87 25.75
N ALA A 16 -6.86 2.02 26.20
CA ALA A 16 -8.27 2.15 26.55
C ALA A 16 -9.17 1.75 25.38
N ALA A 17 -8.94 2.30 24.20
CA ALA A 17 -9.79 2.02 23.06
C ALA A 17 -9.67 0.57 22.61
N CYS A 18 -8.43 0.09 22.51
CA CYS A 18 -8.17 -1.26 22.02
C CYS A 18 -8.81 -2.30 22.94
N TYR A 19 -8.63 -2.11 24.25
CA TYR A 19 -9.16 -3.07 25.19
C TYR A 19 -10.69 -3.03 25.25
N GLN A 20 -11.29 -1.84 25.06
CA GLN A 20 -12.77 -1.73 24.96
C GLN A 20 -13.25 -2.61 23.82
N GLU A 21 -12.60 -2.48 22.67
CA GLU A 21 -13.00 -3.19 21.47
C GLU A 21 -12.83 -4.68 21.64
N LEU A 22 -11.84 -5.08 22.44
CA LEU A 22 -11.54 -6.50 22.61
C LEU A 22 -12.26 -7.10 23.81
N GLY A 23 -13.18 -6.34 24.43
CA GLY A 23 -13.88 -6.80 25.62
C GLY A 23 -12.97 -6.96 26.84
N LYS A 24 -11.86 -6.23 26.86
CA LYS A 24 -10.84 -6.39 27.89
C LYS A 24 -10.73 -5.16 28.79
N ALA A 25 -11.82 -4.41 28.92
CA ALA A 25 -11.79 -3.12 29.61
C ALA A 25 -11.32 -3.20 31.07
N ALA A 26 -11.57 -4.33 31.72
CA ALA A 26 -11.19 -4.48 33.12
C ALA A 26 -9.67 -4.53 33.27
N GLU A 27 -8.97 -4.90 32.20
CA GLU A 27 -7.54 -5.09 32.25
C GLU A 27 -6.75 -3.82 31.96
N VAL A 28 -7.46 -2.80 31.50
CA VAL A 28 -6.86 -1.53 31.15
C VAL A 28 -6.02 -0.91 32.29
N LYS A 29 -6.58 -0.90 33.50
CA LYS A 29 -5.92 -0.23 34.61
C LYS A 29 -4.52 -0.80 34.90
N ASP A 30 -4.45 -2.12 35.10
CA ASP A 30 -3.18 -2.79 35.38
C ASP A 30 -2.21 -2.70 34.20
N ARG A 31 -2.73 -2.77 32.98
CA ARG A 31 -1.87 -2.70 31.82
C ARG A 31 -1.24 -1.30 31.70
N LEU A 32 -2.04 -0.27 31.93
CA LEU A 32 -1.53 1.10 31.92
C LEU A 32 -0.43 1.32 32.98
N ALA A 33 -0.61 0.74 34.16
CA ALA A 33 0.38 0.88 35.23
C ALA A 33 1.69 0.26 34.80
N ASP A 34 1.58 -0.95 34.26
CA ASP A 34 2.71 -1.69 33.73
C ASP A 34 3.47 -0.85 32.72
N ILE A 35 2.71 -0.28 31.77
CA ILE A 35 3.26 0.55 30.71
C ILE A 35 3.95 1.80 31.27
N LYS A 36 3.34 2.45 32.26
CA LYS A 36 3.94 3.65 32.81
C LYS A 36 5.28 3.36 33.48
N SER A 37 5.37 2.23 34.20
CA SER A 37 6.62 1.81 34.80
C SER A 37 7.65 1.58 33.71
N GLU A 38 7.23 0.91 32.65
CA GLU A 38 8.13 0.55 31.57
C GLU A 38 8.64 1.80 30.88
N ILE A 39 7.77 2.76 30.63
CA ILE A 39 8.18 4.02 30.00
C ILE A 39 9.19 4.73 30.92
N ASP A 40 8.83 4.86 32.20
CA ASP A 40 9.74 5.43 33.20
C ASP A 40 11.12 4.79 33.15
N LEU A 41 11.16 3.46 33.12
CA LEU A 41 12.42 2.74 33.23
C LEU A 41 13.22 2.65 31.92
N THR A 42 12.51 2.38 30.81
CA THR A 42 13.15 2.12 29.53
C THR A 42 13.01 3.25 28.51
N GLY A 43 12.10 4.18 28.73
CA GLY A 43 11.85 5.24 27.76
C GLY A 43 10.85 4.84 26.69
N SER A 44 10.38 3.60 26.75
CA SER A 44 9.38 3.13 25.79
C SER A 44 8.56 1.98 26.37
N TYR A 45 7.75 1.35 25.53
CA TYR A 45 7.02 0.15 25.96
C TYR A 45 6.78 -0.80 24.79
N VAL A 46 6.53 -2.06 25.11
CA VAL A 46 6.41 -3.10 24.09
C VAL A 46 4.96 -3.56 24.00
N HIS A 47 4.39 -3.57 22.80
CA HIS A 47 3.04 -4.04 22.63
C HIS A 47 2.95 -5.55 22.82
N THR A 48 1.84 -6.01 23.38
CA THR A 48 1.52 -7.43 23.38
C THR A 48 1.14 -7.79 21.94
N LYS A 49 1.14 -9.08 21.61
CA LYS A 49 0.82 -9.48 20.24
C LYS A 49 -0.60 -9.08 19.85
N GLU A 50 -1.49 -9.15 20.84
CA GLU A 50 -2.89 -8.79 20.66
C GLU A 50 -3.04 -7.28 20.37
N GLU A 51 -2.27 -6.48 21.09
CA GLU A 51 -2.30 -5.03 20.92
C GLU A 51 -1.76 -4.67 19.55
N LEU A 52 -0.67 -5.32 19.18
CA LEU A 52 -0.03 -5.02 17.89
C LEU A 52 -0.96 -5.38 16.74
N GLU A 53 -1.56 -6.55 16.83
CA GLU A 53 -2.46 -7.01 15.77
C GLU A 53 -3.69 -6.11 15.65
N HIS A 54 -4.35 -5.85 16.76
CA HIS A 54 -5.54 -5.00 16.70
C HIS A 54 -5.19 -3.56 16.30
N GLY A 55 -4.02 -3.10 16.74
CA GLY A 55 -3.54 -1.76 16.41
C GLY A 55 -3.35 -1.59 14.91
N ALA A 56 -2.80 -2.60 14.25
CA ALA A 56 -2.59 -2.53 12.81
C ALA A 56 -3.94 -2.53 12.08
N LYS A 57 -4.89 -3.27 12.64
CA LYS A 57 -6.23 -3.31 12.06
C LYS A 57 -6.93 -1.99 12.24
N MET A 58 -6.80 -1.41 13.44
CA MET A 58 -7.39 -0.09 13.70
C MET A 58 -6.81 0.96 12.76
N ALA A 59 -5.52 0.83 12.48
CA ALA A 59 -4.85 1.80 11.65
C ALA A 59 -5.41 1.73 10.23
N TRP A 60 -5.72 0.54 9.76
CA TRP A 60 -6.32 0.42 8.43
C TRP A 60 -7.72 1.02 8.46
N ARG A 61 -8.47 0.66 9.50
CA ARG A 61 -9.82 1.18 9.66
C ARG A 61 -9.85 2.72 9.67
N ASN A 62 -8.79 3.34 10.15
CA ASN A 62 -8.73 4.80 10.27
C ASN A 62 -8.14 5.48 9.05
N SER A 63 -7.78 4.71 8.03
CA SER A 63 -7.10 5.29 6.86
C SER A 63 -8.12 5.99 5.97
N ASN A 64 -8.18 7.31 6.10
CA ASN A 64 -9.21 8.12 5.45
C ASN A 64 -9.26 7.95 3.95
N ARG A 65 -8.13 7.64 3.34
CA ARG A 65 -8.06 7.65 1.88
C ARG A 65 -8.40 6.30 1.27
N CYS A 66 -8.64 5.30 2.12
CA CYS A 66 -8.81 3.93 1.66
C CYS A 66 -10.28 3.47 1.47
N ILE A 67 -10.62 3.13 0.22
CA ILE A 67 -11.95 2.65 -0.11
C ILE A 67 -12.15 1.20 0.31
N GLY A 68 -11.05 0.50 0.62
CA GLY A 68 -11.15 -0.92 0.85
C GLY A 68 -11.35 -1.32 2.30
N ARG A 69 -11.70 -0.36 3.16
CA ARG A 69 -11.71 -0.60 4.60
C ARG A 69 -12.75 -1.56 5.17
N LEU A 70 -13.74 -1.99 4.39
CA LEU A 70 -14.72 -2.95 4.91
C LEU A 70 -14.04 -4.14 5.59
N PHE A 71 -12.91 -4.54 5.03
CA PHE A 71 -12.27 -5.79 5.46
C PHE A 71 -11.17 -5.62 6.49
N TRP A 72 -11.16 -4.45 7.16
CA TRP A 72 -10.11 -4.12 8.13
C TRP A 72 -9.87 -5.21 9.18
N ASN A 73 -10.93 -5.89 9.62
CA ASN A 73 -10.79 -6.81 10.74
C ASN A 73 -10.21 -8.15 10.32
N SER A 74 -10.03 -8.37 9.02
CA SER A 74 -9.43 -9.64 8.61
C SER A 74 -7.98 -9.53 8.13
N LEU A 75 -7.38 -8.36 8.37
CA LEU A 75 -5.94 -8.18 8.11
C LEU A 75 -5.11 -9.28 8.79
N ASN A 76 -4.19 -9.87 8.03
CA ASN A 76 -3.27 -10.88 8.53
C ASN A 76 -2.02 -10.17 9.04
N VAL A 77 -1.78 -10.20 10.34
CA VAL A 77 -0.66 -9.45 10.93
C VAL A 77 0.51 -10.38 11.26
N ILE A 78 1.66 -10.16 10.63
CA ILE A 78 2.83 -10.98 10.90
C ILE A 78 3.79 -10.17 11.78
N ASP A 79 4.04 -10.69 12.99
CA ASP A 79 4.89 -9.98 13.95
C ASP A 79 6.37 -10.35 13.76
N ARG A 80 7.14 -9.44 13.16
CA ARG A 80 8.58 -9.68 12.98
C ARG A 80 9.44 -8.67 13.76
N ARG A 81 9.01 -8.35 14.99
CA ARG A 81 9.79 -7.48 15.86
C ARG A 81 11.04 -8.19 16.35
N ASP A 82 11.14 -9.47 16.02
CA ASP A 82 12.28 -10.28 16.44
C ASP A 82 13.49 -10.18 15.48
N VAL A 83 13.33 -9.60 14.30
CA VAL A 83 14.45 -9.60 13.36
C VAL A 83 15.61 -8.70 13.81
N ARG A 84 16.83 -9.13 13.51
CA ARG A 84 18.02 -8.37 13.88
C ARG A 84 19.04 -8.28 12.75
N THR A 85 18.87 -9.10 11.72
CA THR A 85 19.88 -9.19 10.66
C THR A 85 19.29 -8.88 9.31
N LYS A 86 20.13 -8.51 8.36
CA LYS A 86 19.58 -8.16 7.05
C LYS A 86 19.07 -9.39 6.31
N GLU A 87 19.66 -10.56 6.57
CA GLU A 87 19.11 -11.77 5.99
C GLU A 87 17.71 -12.06 6.53
N GLU A 88 17.51 -11.86 7.83
CA GLU A 88 16.17 -12.03 8.41
C GLU A 88 15.17 -11.05 7.80
N VAL A 89 15.58 -9.81 7.58
CA VAL A 89 14.66 -8.84 6.97
C VAL A 89 14.30 -9.27 5.56
N ARG A 90 15.32 -9.63 4.78
CA ARG A 90 15.12 -10.04 3.40
C ARG A 90 14.18 -11.23 3.35
N ASP A 91 14.44 -12.23 4.18
CA ASP A 91 13.61 -13.43 4.17
C ASP A 91 12.18 -13.12 4.61
N ALA A 92 12.02 -12.21 5.57
CA ALA A 92 10.69 -11.77 5.98
C ALA A 92 9.93 -11.09 4.86
N LEU A 93 10.64 -10.28 4.06
CA LEU A 93 10.01 -9.61 2.94
C LEU A 93 9.66 -10.61 1.83
N PHE A 94 10.56 -11.55 1.56
CA PHE A 94 10.25 -12.61 0.59
C PHE A 94 9.01 -13.37 1.04
N HIS A 95 8.95 -13.71 2.33
CA HIS A 95 7.83 -14.45 2.89
C HIS A 95 6.52 -13.67 2.77
N HIS A 96 6.56 -12.38 3.07
CA HIS A 96 5.39 -11.54 2.93
C HIS A 96 4.86 -11.61 1.50
N ILE A 97 5.74 -11.41 0.52
CA ILE A 97 5.32 -11.55 -0.88
C ILE A 97 4.64 -12.89 -1.14
N GLU A 98 5.24 -13.99 -0.70
CA GLU A 98 4.70 -15.32 -1.00
C GLU A 98 3.34 -15.53 -0.32
N THR A 99 3.24 -15.16 0.95
CA THR A 99 2.03 -15.47 1.69
C THR A 99 0.90 -14.53 1.35
N ALA A 100 1.23 -13.28 1.02
CA ALA A 100 0.22 -12.32 0.60
C ALA A 100 -0.29 -12.70 -0.77
N THR A 101 0.62 -13.14 -1.63
CA THR A 101 0.25 -13.47 -3.01
C THR A 101 -0.71 -14.67 -3.02
N ASN A 102 -0.33 -15.70 -2.28
CA ASN A 102 -1.20 -16.86 -2.08
C ASN A 102 -1.74 -17.43 -3.42
N ASN A 103 -0.84 -17.60 -4.38
CA ASN A 103 -1.19 -18.16 -5.69
C ASN A 103 -2.23 -17.35 -6.45
N GLY A 104 -2.40 -16.10 -6.07
CA GLY A 104 -3.31 -15.21 -6.76
C GLY A 104 -4.50 -14.82 -5.91
N LYS A 105 -4.80 -15.62 -4.89
CA LYS A 105 -5.94 -15.32 -4.02
C LYS A 105 -5.42 -14.46 -2.88
N ILE A 106 -5.24 -13.17 -3.18
CA ILE A 106 -4.43 -12.27 -2.33
C ILE A 106 -4.99 -12.17 -0.91
N ARG A 107 -4.11 -12.28 0.09
CA ARG A 107 -4.46 -12.10 1.51
C ARG A 107 -3.92 -10.77 1.98
N PRO A 108 -4.80 -9.86 2.42
CA PRO A 108 -4.30 -8.61 3.00
C PRO A 108 -3.43 -8.92 4.20
N THR A 109 -2.19 -8.43 4.18
CA THR A 109 -1.17 -8.84 5.15
C THR A 109 -0.30 -7.62 5.50
N ILE A 110 0.17 -7.57 6.73
CA ILE A 110 1.18 -6.59 7.11
C ILE A 110 2.27 -7.33 7.89
N THR A 111 3.53 -6.99 7.62
CA THR A 111 4.64 -7.58 8.39
C THR A 111 5.21 -6.43 9.18
N ILE A 112 5.33 -6.59 10.49
CA ILE A 112 5.76 -5.50 11.34
C ILE A 112 7.16 -5.74 11.87
N PHE A 113 8.09 -4.83 11.54
CA PHE A 113 9.48 -4.95 11.98
C PHE A 113 9.69 -4.14 13.28
N PRO A 114 10.87 -4.25 13.93
CA PRO A 114 11.08 -3.48 15.16
C PRO A 114 10.81 -1.99 14.97
N PRO A 115 10.27 -1.32 15.99
CA PRO A 115 9.91 0.10 15.83
C PRO A 115 11.11 1.02 16.07
N GLU A 116 10.97 2.30 15.68
CA GLU A 116 11.98 3.30 16.02
C GLU A 116 12.18 3.31 17.51
N GLU A 117 13.40 3.61 17.94
CA GLU A 117 13.68 3.65 19.37
C GLU A 117 13.66 5.10 19.85
N LYS A 118 14.71 5.86 19.57
CA LYS A 118 14.65 7.28 19.90
C LYS A 118 14.43 8.11 18.64
N GLY A 119 13.49 7.67 17.81
CA GLY A 119 13.36 8.19 16.46
C GLY A 119 14.40 7.51 15.57
N GLU A 120 15.21 6.64 16.19
CA GLU A 120 16.21 5.86 15.46
C GLU A 120 15.61 4.60 14.84
N LYS A 121 15.62 4.52 13.52
CA LYS A 121 15.09 3.34 12.84
C LYS A 121 15.97 2.11 13.06
N GLN A 122 15.36 0.93 13.14
CA GLN A 122 16.12 -0.30 13.27
C GLN A 122 16.32 -0.87 11.88
N VAL A 123 15.28 -0.68 11.06
CA VAL A 123 15.27 -1.19 9.69
C VAL A 123 14.66 -0.07 8.89
N GLU A 124 15.32 0.32 7.80
CA GLU A 124 14.83 1.43 6.99
C GLU A 124 14.61 0.93 5.56
N ILE A 125 13.37 0.75 5.15
CA ILE A 125 13.09 0.19 3.83
C ILE A 125 13.09 1.33 2.79
N TRP A 126 13.82 1.16 1.69
CA TRP A 126 13.89 2.22 0.67
C TRP A 126 12.82 2.08 -0.41
N ASN A 127 12.33 0.87 -0.66
CA ASN A 127 11.29 0.69 -1.69
C ASN A 127 10.01 1.42 -1.33
N HIS A 128 9.30 1.91 -2.36
CA HIS A 128 7.95 2.44 -2.16
C HIS A 128 6.95 1.28 -2.05
N GLN A 129 7.06 0.31 -2.96
CA GLN A 129 6.35 -0.94 -2.84
C GLN A 129 7.35 -2.07 -2.97
N LEU A 130 7.07 -3.22 -2.36
CA LEU A 130 8.07 -4.30 -2.44
C LEU A 130 8.26 -4.76 -3.87
N ILE A 131 7.18 -4.75 -4.65
CA ILE A 131 7.24 -5.09 -6.06
C ILE A 131 6.89 -3.81 -6.83
N ARG A 132 7.81 -3.32 -7.67
CA ARG A 132 7.56 -2.10 -8.42
C ARG A 132 8.52 -2.05 -9.60
N TYR A 133 8.13 -1.39 -10.68
CA TYR A 133 9.00 -1.34 -11.86
C TYR A 133 9.96 -0.16 -11.83
N ALA A 134 11.17 -0.37 -12.36
CA ALA A 134 12.16 0.68 -12.44
C ALA A 134 11.78 1.72 -13.50
N GLY A 135 12.41 2.88 -13.42
CA GLY A 135 12.17 3.95 -14.38
C GLY A 135 13.47 4.62 -14.74
N TYR A 136 13.61 5.04 -16.00
CA TYR A 136 14.86 5.61 -16.47
C TYR A 136 14.54 6.83 -17.32
N GLU A 137 15.38 7.85 -17.23
CA GLU A 137 15.19 9.06 -18.03
C GLU A 137 16.59 9.59 -18.22
N SER A 138 16.98 9.73 -19.47
CA SER A 138 18.30 10.28 -19.78
C SER A 138 18.30 10.70 -21.22
N ASP A 139 18.75 11.92 -21.48
CA ASP A 139 18.82 12.43 -22.83
C ASP A 139 17.47 12.27 -23.53
N GLY A 140 16.39 12.74 -22.90
CA GLY A 140 15.07 12.67 -23.47
C GLY A 140 14.47 11.28 -23.63
N GLU A 141 15.30 10.24 -23.43
CA GLU A 141 14.87 8.85 -23.54
C GLU A 141 14.23 8.38 -22.24
N ARG A 142 12.96 7.99 -22.28
CA ARG A 142 12.29 7.49 -21.07
C ARG A 142 11.86 6.03 -21.17
N ILE A 143 12.20 5.27 -20.14
CA ILE A 143 11.93 3.84 -20.14
C ILE A 143 11.29 3.49 -18.81
N GLY A 144 10.29 2.61 -18.83
CA GLY A 144 9.73 2.13 -17.57
C GLY A 144 8.84 3.14 -16.84
N ASP A 145 8.81 3.05 -15.51
CA ASP A 145 7.89 3.83 -14.67
C ASP A 145 8.55 5.14 -14.18
N PRO A 146 8.14 6.30 -14.74
CA PRO A 146 8.80 7.53 -14.30
C PRO A 146 8.73 7.75 -12.79
N ALA A 147 7.73 7.17 -12.13
CA ALA A 147 7.57 7.39 -10.69
C ALA A 147 8.73 6.76 -9.94
N SER A 148 9.44 5.83 -10.59
CA SER A 148 10.56 5.14 -9.93
C SER A 148 11.94 5.64 -10.29
N CYS A 149 12.02 6.75 -11.01
CA CYS A 149 13.32 7.22 -11.49
C CYS A 149 14.32 7.47 -10.38
N SER A 150 13.90 8.13 -9.30
CA SER A 150 14.90 8.50 -8.28
C SER A 150 15.38 7.27 -7.51
N LEU A 151 14.46 6.36 -7.19
CA LEU A 151 14.86 5.13 -6.48
C LEU A 151 15.70 4.23 -7.37
N THR A 152 15.34 4.16 -8.65
CA THR A 152 16.13 3.43 -9.63
C THR A 152 17.55 3.98 -9.69
N ALA A 153 17.69 5.30 -9.77
CA ALA A 153 19.02 5.89 -9.79
C ALA A 153 19.81 5.58 -8.52
N ALA A 154 19.13 5.61 -7.37
CA ALA A 154 19.80 5.28 -6.10
C ALA A 154 20.28 3.84 -6.11
N CYS A 155 19.45 2.93 -6.63
CA CYS A 155 19.87 1.53 -6.71
C CYS A 155 21.07 1.35 -7.61
N GLU A 156 21.06 2.06 -8.74
CA GLU A 156 22.19 1.90 -9.65
C GLU A 156 23.43 2.53 -9.10
N GLU A 157 23.29 3.43 -8.14
CA GLU A 157 24.47 3.95 -7.45
C GLU A 157 25.12 2.85 -6.63
N LEU A 158 24.31 1.90 -6.16
CA LEU A 158 24.76 0.87 -5.24
C LEU A 158 25.19 -0.42 -5.94
N GLY A 159 25.34 -0.36 -7.27
CA GLY A 159 25.88 -1.50 -7.99
C GLY A 159 24.82 -2.35 -8.69
N TRP A 160 23.55 -2.05 -8.46
CA TRP A 160 22.50 -2.72 -9.22
C TRP A 160 22.50 -2.15 -10.64
N ARG A 161 22.09 -2.97 -11.61
CA ARG A 161 21.93 -2.52 -13.00
C ARG A 161 20.65 -3.11 -13.57
N GLY A 162 19.78 -2.26 -14.09
CA GLY A 162 18.51 -2.68 -14.66
C GLY A 162 18.70 -3.03 -16.12
N GLU A 163 17.88 -3.95 -16.64
CA GLU A 163 17.96 -4.38 -18.03
C GLU A 163 17.39 -3.32 -18.99
N ARG A 164 16.69 -2.35 -18.40
CA ARG A 164 16.05 -1.27 -19.17
C ARG A 164 14.98 -1.74 -20.15
N THR A 165 14.19 -2.72 -19.70
CA THR A 165 12.89 -2.98 -20.27
C THR A 165 11.94 -1.98 -19.61
N ASP A 166 10.69 -1.95 -20.05
CA ASP A 166 9.72 -1.05 -19.45
C ASP A 166 9.19 -1.60 -18.14
N PHE A 167 9.57 -2.84 -17.81
CA PHE A 167 9.06 -3.53 -16.62
C PHE A 167 10.16 -4.24 -15.84
N ASP A 168 11.28 -3.57 -15.60
CA ASP A 168 12.33 -4.17 -14.77
C ASP A 168 11.87 -4.23 -13.33
N LEU A 169 12.02 -5.36 -12.64
CA LEU A 169 11.63 -5.36 -11.23
C LEU A 169 12.77 -4.76 -10.41
N LEU A 170 12.45 -3.77 -9.58
CA LEU A 170 13.46 -3.19 -8.72
C LEU A 170 13.82 -4.24 -7.65
N PRO A 171 15.07 -4.23 -7.20
CA PRO A 171 15.42 -5.12 -6.10
C PRO A 171 14.83 -4.60 -4.80
N LEU A 172 14.74 -5.46 -3.79
CA LEU A 172 14.45 -5.00 -2.44
C LEU A 172 15.66 -4.21 -1.99
N ILE A 173 15.44 -3.08 -1.34
CA ILE A 173 16.58 -2.30 -0.87
C ILE A 173 16.22 -1.70 0.49
N PHE A 174 17.06 -1.96 1.48
CA PHE A 174 16.80 -1.46 2.83
C PHE A 174 18.10 -1.30 3.59
N ARG A 175 18.07 -0.50 4.65
CA ARG A 175 19.26 -0.26 5.44
C ARG A 175 19.02 -0.70 6.87
N MET A 176 20.04 -1.30 7.50
CA MET A 176 19.96 -1.69 8.90
C MET A 176 20.59 -0.60 9.76
N LYS A 177 20.04 -0.40 10.94
CA LYS A 177 20.68 0.44 11.95
C LYS A 177 22.16 0.07 12.09
N GLY A 178 23.03 1.07 12.03
CA GLY A 178 24.44 0.84 12.26
C GLY A 178 25.19 0.62 10.97
N ASP A 179 24.46 0.50 9.87
CA ASP A 179 25.07 0.37 8.55
C ASP A 179 24.96 1.70 7.83
N GLU A 180 26.00 2.07 7.10
CA GLU A 180 26.02 3.33 6.38
C GLU A 180 25.22 3.28 5.07
N GLN A 181 25.25 2.14 4.39
CA GLN A 181 24.57 1.98 3.10
C GLN A 181 23.52 0.89 3.17
N PRO A 182 22.43 1.06 2.41
CA PRO A 182 21.45 -0.02 2.33
C PRO A 182 22.05 -1.21 1.59
N VAL A 183 21.47 -2.40 1.74
CA VAL A 183 21.83 -3.53 0.90
C VAL A 183 20.70 -3.74 -0.09
N TRP A 184 20.96 -4.42 -1.20
CA TRP A 184 19.87 -4.74 -2.11
C TRP A 184 19.87 -6.21 -2.50
N TYR A 185 18.69 -6.74 -2.82
CA TYR A 185 18.55 -8.13 -3.24
C TYR A 185 17.57 -8.21 -4.40
N GLU A 186 17.97 -8.90 -5.47
CA GLU A 186 17.09 -9.08 -6.62
C GLU A 186 15.88 -9.93 -6.15
N LEU A 187 14.68 -9.62 -6.62
CA LEU A 187 13.50 -10.43 -6.29
C LEU A 187 13.50 -11.73 -7.08
N PRO A 188 13.30 -12.87 -6.40
CA PRO A 188 13.18 -14.12 -7.17
C PRO A 188 11.91 -14.06 -8.03
N ARG A 189 12.03 -14.29 -9.34
CA ARG A 189 10.88 -14.09 -10.21
C ARG A 189 9.74 -15.05 -9.88
N SER A 190 10.06 -16.22 -9.32
CA SER A 190 9.04 -17.20 -8.94
C SER A 190 8.09 -16.68 -7.85
N LEU A 191 8.50 -15.63 -7.15
CA LEU A 191 7.68 -15.04 -6.08
C LEU A 191 6.73 -13.98 -6.61
N VAL A 192 6.99 -13.50 -7.83
CA VAL A 192 6.29 -12.34 -8.36
C VAL A 192 5.28 -12.68 -9.44
N ILE A 193 3.99 -12.58 -9.13
CA ILE A 193 3.00 -12.83 -10.16
C ILE A 193 2.78 -11.56 -10.97
N GLU A 194 2.77 -11.71 -12.30
CA GLU A 194 2.44 -10.59 -13.15
C GLU A 194 1.29 -11.00 -14.07
N VAL A 195 0.54 -10.00 -14.52
CA VAL A 195 -0.62 -10.24 -15.36
C VAL A 195 -0.47 -9.53 -16.71
N PRO A 196 -0.44 -10.29 -17.81
CA PRO A 196 -0.43 -9.59 -19.10
C PRO A 196 -1.81 -9.00 -19.36
N ILE A 197 -1.87 -7.81 -19.95
CA ILE A 197 -3.14 -7.15 -20.14
C ILE A 197 -3.68 -7.49 -21.54
N THR A 198 -4.84 -8.15 -21.57
CA THR A 198 -5.53 -8.43 -22.81
C THR A 198 -6.95 -7.89 -22.65
N HIS A 199 -7.67 -7.78 -23.75
CA HIS A 199 -9.03 -7.24 -23.72
C HIS A 199 -10.00 -8.38 -24.06
N PRO A 200 -11.19 -8.39 -23.42
CA PRO A 200 -12.14 -9.48 -23.67
C PRO A 200 -12.58 -9.62 -25.13
N ASP A 201 -12.59 -8.53 -25.89
CA ASP A 201 -13.19 -8.53 -27.24
C ASP A 201 -12.21 -8.09 -28.33
N ILE A 202 -11.21 -7.31 -27.94
CA ILE A 202 -10.31 -6.67 -28.91
C ILE A 202 -8.95 -7.37 -28.90
N GLU A 203 -8.73 -8.19 -29.91
CA GLU A 203 -7.60 -9.09 -29.95
C GLU A 203 -6.30 -8.31 -30.08
N ALA A 204 -6.38 -7.15 -30.73
CA ALA A 204 -5.19 -6.36 -30.98
C ALA A 204 -4.61 -5.77 -29.69
N PHE A 205 -5.41 -5.78 -28.62
CA PHE A 205 -4.98 -5.13 -27.38
C PHE A 205 -3.66 -5.73 -26.90
N SER A 206 -3.40 -7.00 -27.17
CA SER A 206 -2.15 -7.59 -26.72
C SER A 206 -0.94 -7.01 -27.45
N ASP A 207 -1.18 -6.34 -28.59
CA ASP A 207 -0.07 -5.73 -29.33
C ASP A 207 0.64 -4.65 -28.50
N LEU A 208 -0.07 -4.12 -27.49
CA LEU A 208 0.50 -3.08 -26.63
C LEU A 208 1.51 -3.65 -25.66
N GLU A 209 1.49 -4.96 -25.51
CA GLU A 209 2.39 -5.67 -24.62
C GLU A 209 2.44 -5.07 -23.21
N LEU A 210 1.27 -4.73 -22.66
CA LEU A 210 1.17 -4.16 -21.33
C LEU A 210 1.09 -5.30 -20.31
N LYS A 211 1.59 -5.06 -19.11
CA LYS A 211 1.38 -5.99 -18.00
C LYS A 211 1.45 -5.20 -16.71
N TRP A 212 1.03 -5.80 -15.60
CA TRP A 212 1.23 -5.16 -14.30
C TRP A 212 1.45 -6.26 -13.26
N TYR A 213 1.95 -5.89 -12.09
CA TYR A 213 2.22 -6.93 -11.09
C TYR A 213 0.96 -7.15 -10.27
N GLY A 214 0.85 -8.34 -9.69
CA GLY A 214 -0.40 -8.73 -9.04
C GLY A 214 -0.65 -8.05 -7.71
N VAL A 215 0.39 -7.86 -6.93
CA VAL A 215 0.20 -7.49 -5.54
C VAL A 215 0.89 -6.17 -5.17
N PRO A 216 0.13 -5.13 -4.84
CA PRO A 216 0.75 -3.88 -4.37
C PRO A 216 1.05 -3.95 -2.87
N ILE A 217 2.33 -3.79 -2.50
CA ILE A 217 2.76 -3.96 -1.11
C ILE A 217 3.48 -2.68 -0.69
N ILE A 218 2.74 -1.78 -0.06
CA ILE A 218 3.26 -0.46 0.30
C ILE A 218 4.27 -0.59 1.43
N SER A 219 5.49 -0.12 1.21
CA SER A 219 6.56 -0.42 2.14
C SER A 219 7.28 0.81 2.62
N ASP A 220 6.65 1.97 2.46
CA ASP A 220 7.31 3.19 2.88
C ASP A 220 6.46 4.06 3.81
N MET A 221 5.42 3.49 4.41
CA MET A 221 4.64 4.24 5.40
C MET A 221 4.92 3.79 6.83
N LYS A 222 4.74 4.72 7.77
CA LYS A 222 4.90 4.41 9.18
C LYS A 222 3.56 4.02 9.80
N LEU A 223 3.55 2.89 10.50
CA LEU A 223 2.39 2.49 11.30
C LEU A 223 2.61 3.07 12.68
N GLU A 224 1.68 3.90 13.13
CA GLU A 224 1.78 4.44 14.47
C GLU A 224 0.67 3.87 15.35
N VAL A 225 1.06 3.23 16.45
CA VAL A 225 0.11 2.57 17.34
C VAL A 225 0.46 2.92 18.77
N GLY A 226 -0.45 3.60 19.45
CA GLY A 226 -0.24 3.96 20.84
C GLY A 226 1.10 4.63 21.11
N GLY A 227 1.52 5.50 20.19
CA GLY A 227 2.73 6.29 20.40
C GLY A 227 4.02 5.59 19.98
N ILE A 228 3.91 4.35 19.53
CA ILE A 228 5.06 3.60 19.03
C ILE A 228 5.10 3.75 17.50
N HIS A 229 6.30 4.03 16.97
CA HIS A 229 6.43 4.34 15.55
C HIS A 229 7.07 3.18 14.79
N TYR A 230 6.25 2.40 14.11
CA TYR A 230 6.74 1.30 13.31
C TYR A 230 6.96 1.80 11.87
N ASN A 231 8.14 2.36 11.61
CA ASN A 231 8.42 2.96 10.31
C ASN A 231 8.53 1.90 9.23
N ALA A 232 8.85 0.68 9.65
CA ALA A 232 8.98 -0.44 8.72
C ALA A 232 7.89 -1.48 8.97
N ALA A 233 6.87 -1.45 8.14
CA ALA A 233 5.72 -2.32 8.35
C ALA A 233 4.97 -2.42 7.04
N PRO A 234 5.57 -3.11 6.05
CA PRO A 234 4.93 -3.17 4.72
C PRO A 234 3.57 -3.86 4.78
N PHE A 235 2.60 -3.35 4.02
CA PHE A 235 1.28 -3.96 4.01
C PHE A 235 0.73 -4.03 2.58
N ASN A 236 -0.19 -4.95 2.33
CA ASN A 236 -0.81 -5.07 1.00
C ASN A 236 -2.28 -5.40 1.11
N GLY A 237 -3.00 -5.04 0.06
CA GLY A 237 -4.34 -5.56 -0.15
C GLY A 237 -4.27 -6.10 -1.57
N TRP A 238 -5.40 -6.01 -2.27
CA TRP A 238 -5.41 -6.26 -3.71
C TRP A 238 -5.70 -4.93 -4.37
N TYR A 239 -5.53 -4.87 -5.69
CA TYR A 239 -5.78 -3.65 -6.43
C TYR A 239 -7.27 -3.40 -6.66
N MET A 240 -7.63 -2.13 -6.72
CA MET A 240 -8.86 -1.71 -7.41
C MET A 240 -8.41 -1.40 -8.84
N GLY A 241 -9.14 -1.90 -9.83
CA GLY A 241 -8.69 -1.86 -11.23
C GLY A 241 -8.30 -0.49 -11.72
N THR A 242 -9.03 0.55 -11.30
CA THR A 242 -8.70 1.90 -11.73
C THR A 242 -7.31 2.37 -11.34
N GLU A 243 -6.75 1.80 -10.27
CA GLU A 243 -5.38 2.21 -9.89
C GLU A 243 -4.43 1.92 -11.03
N ILE A 244 -4.68 0.82 -11.72
CA ILE A 244 -3.80 0.36 -12.78
C ILE A 244 -4.24 0.98 -14.08
N GLY A 245 -5.52 0.84 -14.41
CA GLY A 245 -6.02 1.28 -15.72
C GLY A 245 -6.22 2.78 -15.90
N ALA A 246 -6.50 3.50 -14.82
CA ALA A 246 -6.81 4.92 -14.94
C ALA A 246 -5.66 5.78 -14.50
N ARG A 247 -4.67 5.18 -13.84
CA ARG A 247 -3.57 5.97 -13.32
C ARG A 247 -2.19 5.43 -13.71
N ASN A 248 -1.83 4.23 -13.21
CA ASN A 248 -0.48 3.73 -13.47
C ASN A 248 -0.19 3.62 -14.96
N LEU A 249 -1.18 3.15 -15.72
CA LEU A 249 -0.94 2.97 -17.16
C LEU A 249 -1.38 4.16 -18.00
N ALA A 250 -2.17 5.05 -17.41
CA ALA A 250 -2.79 6.17 -18.16
C ALA A 250 -2.20 7.56 -17.95
N ASP A 251 -1.73 7.84 -16.72
CA ASP A 251 -1.23 9.18 -16.41
C ASP A 251 -0.11 9.55 -17.38
N GLU A 252 -0.10 10.80 -17.81
CA GLU A 252 0.98 11.26 -18.70
C GLU A 252 2.34 11.14 -18.04
N LYS A 253 2.36 11.28 -16.73
CA LYS A 253 3.62 11.19 -15.99
C LYS A 253 3.90 9.77 -15.52
N ARG A 254 3.07 8.81 -15.95
CA ARG A 254 3.38 7.39 -15.68
C ARG A 254 3.60 6.69 -17.03
N TYR A 255 2.89 5.60 -17.29
CA TYR A 255 3.12 4.87 -18.54
C TYR A 255 2.47 5.54 -19.75
N ASP A 256 1.54 6.48 -19.51
CA ASP A 256 1.05 7.34 -20.61
C ASP A 256 0.53 6.58 -21.85
N LYS A 257 -0.35 5.61 -21.65
CA LYS A 257 -0.71 4.72 -22.75
C LYS A 257 -2.00 5.05 -23.52
N LEU A 258 -2.67 6.15 -23.20
CA LEU A 258 -4.00 6.34 -23.78
C LEU A 258 -4.01 6.50 -25.31
N LYS A 259 -3.04 7.20 -25.88
CA LYS A 259 -2.97 7.32 -27.34
C LYS A 259 -2.80 5.95 -28.01
N LYS A 260 -1.92 5.14 -27.45
CA LYS A 260 -1.72 3.78 -27.97
C LYS A 260 -2.96 2.90 -27.80
N VAL A 261 -3.66 3.07 -26.68
CA VAL A 261 -4.91 2.38 -26.48
C VAL A 261 -5.94 2.78 -27.53
N ALA A 262 -6.10 4.09 -27.73
CA ALA A 262 -7.02 4.60 -28.75
C ALA A 262 -6.76 3.94 -30.09
N SER A 263 -5.49 3.89 -30.47
CA SER A 263 -5.15 3.32 -31.76
C SER A 263 -5.54 1.84 -31.88
N VAL A 264 -5.22 1.04 -30.87
CA VAL A 264 -5.56 -0.39 -30.94
C VAL A 264 -7.06 -0.66 -30.82
N ILE A 265 -7.81 0.24 -30.21
CA ILE A 265 -9.25 0.02 -30.18
C ILE A 265 -9.95 0.64 -31.39
N GLY A 266 -9.18 1.23 -32.28
CA GLY A 266 -9.70 1.66 -33.57
C GLY A 266 -10.39 3.00 -33.57
N ILE A 267 -10.08 3.86 -32.60
CA ILE A 267 -10.68 5.21 -32.58
C ILE A 267 -9.62 6.30 -32.80
N ALA A 268 -10.07 7.42 -33.39
CA ALA A 268 -9.18 8.57 -33.62
C ALA A 268 -8.84 9.23 -32.28
N ALA A 269 -7.65 9.81 -32.15
CA ALA A 269 -7.26 10.51 -30.92
C ALA A 269 -6.96 11.95 -31.25
N ASP A 270 -7.86 12.55 -32.03
CA ASP A 270 -7.62 13.87 -32.62
C ASP A 270 -8.46 14.98 -32.02
N TYR A 271 -9.66 14.67 -31.52
CA TYR A 271 -10.60 15.74 -31.14
C TYR A 271 -11.12 15.54 -29.72
N ASN A 272 -11.03 16.58 -28.90
CA ASN A 272 -11.45 16.43 -27.50
C ASN A 272 -12.91 16.03 -27.45
N THR A 273 -13.70 16.58 -28.38
CA THR A 273 -15.14 16.34 -28.37
C THR A 273 -15.53 14.89 -28.71
N ASP A 274 -14.58 14.10 -29.22
CA ASP A 274 -14.85 12.68 -29.46
C ASP A 274 -14.75 11.88 -28.17
N LEU A 275 -14.30 12.53 -27.09
CA LEU A 275 -14.05 11.84 -25.82
C LEU A 275 -13.24 10.57 -26.02
N TRP A 276 -12.23 10.65 -26.86
CA TRP A 276 -11.41 9.47 -27.07
C TRP A 276 -10.60 9.09 -25.85
N LYS A 277 -10.19 10.05 -25.04
CA LYS A 277 -9.47 9.67 -23.82
C LYS A 277 -10.39 8.89 -22.88
N ASP A 278 -11.62 9.34 -22.78
CA ASP A 278 -12.57 8.67 -21.88
C ASP A 278 -12.88 7.25 -22.33
N GLN A 279 -13.08 7.10 -23.63
CA GLN A 279 -13.35 5.79 -24.23
C GLN A 279 -12.16 4.88 -24.07
N ALA A 280 -10.97 5.40 -24.35
CA ALA A 280 -9.76 4.59 -24.14
C ALA A 280 -9.60 4.20 -22.68
N LEU A 281 -9.87 5.13 -21.78
CA LEU A 281 -9.82 4.82 -20.34
C LEU A 281 -10.77 3.68 -19.98
N VAL A 282 -11.99 3.75 -20.48
CA VAL A 282 -12.93 2.67 -20.17
C VAL A 282 -12.45 1.31 -20.71
N GLU A 283 -11.97 1.27 -21.95
CA GLU A 283 -11.52 -0.02 -22.51
C GLU A 283 -10.28 -0.55 -21.81
N LEU A 284 -9.35 0.35 -21.48
CA LEU A 284 -8.14 -0.09 -20.75
C LEU A 284 -8.52 -0.64 -19.38
N ASN A 285 -9.50 -0.01 -18.77
CA ASN A 285 -9.92 -0.47 -17.45
C ASN A 285 -10.69 -1.78 -17.50
N LYS A 286 -11.43 -2.00 -18.59
CA LYS A 286 -12.12 -3.27 -18.77
C LYS A 286 -11.07 -4.36 -18.97
N ALA A 287 -10.01 -4.03 -19.69
CA ALA A 287 -8.98 -5.01 -20.00
C ALA A 287 -8.25 -5.41 -18.74
N VAL A 288 -7.94 -4.42 -17.89
CA VAL A 288 -7.25 -4.72 -16.65
C VAL A 288 -8.06 -5.69 -15.80
N LEU A 289 -9.35 -5.43 -15.64
CA LEU A 289 -10.18 -6.31 -14.81
C LEU A 289 -10.30 -7.69 -15.41
N HIS A 290 -10.58 -7.74 -16.71
CA HIS A 290 -10.65 -9.01 -17.43
C HIS A 290 -9.38 -9.83 -17.23
N SER A 291 -8.23 -9.16 -17.32
CA SER A 291 -6.95 -9.87 -17.32
C SER A 291 -6.60 -10.45 -15.97
N TYR A 292 -6.85 -9.68 -14.92
CA TYR A 292 -6.64 -10.18 -13.56
C TYR A 292 -7.55 -11.36 -13.26
N LYS A 293 -8.82 -11.23 -13.64
CA LYS A 293 -9.77 -12.31 -13.42
C LYS A 293 -9.37 -13.55 -14.18
N LYS A 294 -8.99 -13.39 -15.43
CA LYS A 294 -8.61 -14.53 -16.26
C LYS A 294 -7.44 -15.28 -15.66
N GLN A 295 -6.55 -14.55 -15.01
CA GLN A 295 -5.37 -15.18 -14.44
C GLN A 295 -5.58 -15.67 -13.01
N GLY A 296 -6.73 -15.36 -12.42
CA GLY A 296 -7.00 -15.82 -11.07
C GLY A 296 -6.24 -15.02 -10.04
N VAL A 297 -6.04 -13.73 -10.32
CA VAL A 297 -5.43 -12.83 -9.37
C VAL A 297 -6.50 -11.89 -8.87
N SER A 298 -6.64 -11.79 -7.55
CA SER A 298 -7.63 -10.90 -6.95
C SER A 298 -7.55 -9.45 -7.44
N ILE A 299 -8.71 -8.85 -7.67
CA ILE A 299 -8.81 -7.46 -8.05
C ILE A 299 -10.27 -7.08 -7.77
N VAL A 300 -10.53 -5.78 -7.60
CA VAL A 300 -11.92 -5.34 -7.42
C VAL A 300 -12.16 -4.18 -8.38
N ASP A 301 -13.37 -4.09 -8.93
CA ASP A 301 -13.70 -2.94 -9.77
C ASP A 301 -14.23 -1.83 -8.86
N HIS A 302 -14.27 -0.60 -9.37
CA HIS A 302 -14.60 0.53 -8.51
C HIS A 302 -16.06 0.57 -8.06
N HIS A 303 -16.95 0.00 -8.85
CA HIS A 303 -18.36 -0.07 -8.43
C HIS A 303 -18.53 -0.99 -7.25
N THR A 304 -17.94 -2.17 -7.34
CA THR A 304 -18.05 -3.16 -6.26
C THR A 304 -17.33 -2.63 -5.02
N ALA A 305 -16.17 -2.02 -5.22
CA ALA A 305 -15.43 -1.42 -4.10
C ALA A 305 -16.23 -0.33 -3.38
N ALA A 306 -16.91 0.53 -4.14
CA ALA A 306 -17.70 1.56 -3.50
C ALA A 306 -18.87 0.96 -2.77
N SER A 307 -19.44 -0.11 -3.31
CA SER A 307 -20.52 -0.82 -2.61
C SER A 307 -20.05 -1.43 -1.30
N GLN A 308 -18.84 -1.99 -1.32
CA GLN A 308 -18.25 -2.50 -0.09
C GLN A 308 -18.03 -1.35 0.89
N PHE A 309 -17.59 -0.21 0.38
CA PHE A 309 -17.30 0.92 1.26
C PHE A 309 -18.58 1.47 1.90
N LYS A 310 -19.68 1.43 1.14
CA LYS A 310 -20.98 1.76 1.70
C LYS A 310 -21.26 0.88 2.91
N ARG A 311 -20.96 -0.42 2.78
CA ARG A 311 -21.23 -1.31 3.92
C ARG A 311 -20.32 -0.94 5.10
N PHE A 312 -19.09 -0.52 4.79
CA PHE A 312 -18.18 -0.05 5.85
C PHE A 312 -18.76 1.14 6.60
N GLU A 313 -19.33 2.10 5.86
CA GLU A 313 -20.01 3.23 6.49
C GLU A 313 -21.13 2.76 7.40
N GLU A 314 -21.93 1.81 6.90
CA GLU A 314 -23.07 1.31 7.67
C GLU A 314 -22.58 0.58 8.92
N GLN A 315 -21.52 -0.21 8.76
CA GLN A 315 -20.92 -0.93 9.87
C GLN A 315 -20.42 0.02 10.96
N ALA A 316 -19.78 1.11 10.55
CA ALA A 316 -19.26 2.08 11.53
C ALA A 316 -20.40 2.70 12.35
N GLU A 317 -21.43 3.15 11.66
CA GLU A 317 -22.57 3.73 12.35
C GLU A 317 -23.18 2.73 13.32
N GLU A 318 -23.32 1.49 12.88
CA GLU A 318 -23.97 0.48 13.70
C GLU A 318 -23.11 0.09 14.91
N ALA A 319 -21.80 0.30 14.81
CA ALA A 319 -20.87 0.06 15.91
C ALA A 319 -20.70 1.30 16.78
N GLY A 320 -21.31 2.41 16.37
CA GLY A 320 -21.20 3.65 17.11
C GLY A 320 -19.85 4.36 16.96
N ARG A 321 -19.09 4.02 15.93
CA ARG A 321 -17.82 4.69 15.64
C ARG A 321 -18.00 5.82 14.63
N LYS A 322 -17.35 6.95 14.89
CA LYS A 322 -17.31 8.03 13.90
C LYS A 322 -16.63 7.51 12.65
N LEU A 323 -17.14 7.88 11.48
CA LEU A 323 -16.51 7.55 10.22
C LEU A 323 -15.64 8.72 9.78
N THR A 324 -14.42 8.44 9.37
CA THR A 324 -13.62 9.49 8.73
C THR A 324 -13.21 9.09 7.32
N GLY A 325 -13.04 10.08 6.46
CA GLY A 325 -12.68 9.80 5.09
C GLY A 325 -12.22 11.04 4.36
N ASP A 326 -11.47 10.81 3.29
CA ASP A 326 -10.95 11.87 2.44
C ASP A 326 -11.65 11.72 1.07
N TRP A 327 -12.69 12.54 0.86
CA TRP A 327 -13.53 12.42 -0.33
C TRP A 327 -12.68 12.46 -1.58
N THR A 328 -11.65 13.32 -1.57
CA THR A 328 -10.82 13.50 -2.77
C THR A 328 -10.04 12.27 -3.19
N TRP A 329 -9.76 11.36 -2.25
CA TRP A 329 -9.12 10.10 -2.57
C TRP A 329 -10.07 8.94 -2.70
N LEU A 330 -11.22 9.03 -2.03
CA LEU A 330 -12.17 7.91 -2.05
C LEU A 330 -12.89 7.80 -3.39
N ILE A 331 -13.21 8.93 -4.03
CA ILE A 331 -13.86 8.85 -5.33
C ILE A 331 -12.91 8.16 -6.34
N PRO A 332 -13.45 7.24 -7.15
CA PRO A 332 -12.59 6.64 -8.17
C PRO A 332 -12.35 7.63 -9.31
N PRO A 333 -11.26 7.43 -10.06
CA PRO A 333 -10.89 8.37 -11.13
C PRO A 333 -11.64 8.06 -12.44
N ILE A 334 -12.50 7.04 -12.42
CA ILE A 334 -13.38 6.69 -13.56
C ILE A 334 -14.82 6.75 -13.05
N SER A 335 -15.71 7.44 -13.77
CA SER A 335 -17.13 7.54 -13.35
C SER A 335 -17.38 7.77 -11.86
N PRO A 336 -16.73 8.77 -11.24
CA PRO A 336 -16.92 8.93 -9.79
C PRO A 336 -18.38 9.19 -9.40
N ALA A 337 -19.12 9.91 -10.22
CA ALA A 337 -20.49 10.24 -9.88
C ALA A 337 -21.43 9.05 -10.02
N ALA A 338 -20.91 7.94 -10.53
CA ALA A 338 -21.70 6.69 -10.55
C ALA A 338 -21.61 5.94 -9.23
N THR A 339 -20.81 6.46 -8.29
CA THR A 339 -20.69 5.83 -6.97
C THR A 339 -21.36 6.69 -5.92
N HIS A 340 -21.81 6.08 -4.84
CA HIS A 340 -22.47 6.86 -3.79
C HIS A 340 -21.51 7.85 -3.10
N ILE A 341 -20.22 7.52 -3.12
CA ILE A 341 -19.17 8.33 -2.48
C ILE A 341 -19.22 9.78 -2.96
N PHE A 342 -19.32 9.96 -4.27
CA PHE A 342 -19.33 11.30 -4.88
C PHE A 342 -20.42 12.19 -4.30
N HIS A 343 -21.52 11.58 -3.86
CA HIS A 343 -22.73 12.31 -3.52
C HIS A 343 -22.89 12.58 -2.02
N ARG A 344 -21.89 12.21 -1.22
CA ARG A 344 -21.93 12.55 0.19
C ARG A 344 -20.61 13.19 0.62
N SER A 345 -20.52 13.65 1.86
CA SER A 345 -19.25 14.21 2.31
C SER A 345 -18.69 13.38 3.44
N TYR A 346 -17.43 13.62 3.76
CA TYR A 346 -16.74 12.83 4.78
C TYR A 346 -15.88 13.74 5.65
N ASP A 347 -15.86 13.45 6.94
CA ASP A 347 -15.01 14.15 7.91
C ASP A 347 -13.57 13.63 7.74
N ASN A 348 -12.66 14.52 7.34
CA ASN A 348 -11.29 14.11 7.04
C ASN A 348 -10.37 14.20 8.28
N SER A 349 -10.95 14.03 9.46
CA SER A 349 -10.16 14.10 10.70
C SER A 349 -9.19 12.93 10.82
N ILE A 350 -8.01 13.18 11.38
CA ILE A 350 -7.01 12.11 11.52
C ILE A 350 -7.15 11.46 12.90
N VAL A 351 -7.38 10.15 12.90
CA VAL A 351 -7.57 9.38 14.13
C VAL A 351 -6.46 8.34 14.17
N LYS A 352 -5.88 8.08 15.34
CA LYS A 352 -4.84 7.04 15.44
C LYS A 352 -5.38 5.84 16.21
N PRO A 353 -4.79 4.65 16.01
CA PRO A 353 -3.68 4.27 15.11
C PRO A 353 -3.92 4.60 13.65
N ASN A 354 -2.86 4.77 12.88
CA ASN A 354 -2.99 5.13 11.47
C ASN A 354 -1.68 4.90 10.76
N TYR A 355 -1.69 4.97 9.43
CA TYR A 355 -0.49 4.88 8.58
C TYR A 355 -0.17 6.29 8.10
N PHE A 356 1.11 6.65 8.15
CA PHE A 356 1.54 8.00 7.79
C PHE A 356 2.69 7.98 6.79
N TYR A 357 2.75 9.00 5.93
CA TYR A 357 3.94 9.24 5.11
C TYR A 357 5.15 9.50 5.98
N GLN A 358 6.33 9.10 5.49
CA GLN A 358 7.58 9.52 6.14
C GLN A 358 8.59 9.92 5.07
N ASP A 359 9.60 10.71 5.43
CA ASP A 359 10.59 11.18 4.46
C ASP A 359 11.35 10.01 3.81
N LYS A 360 11.58 10.09 2.49
CA LYS A 360 12.40 9.11 1.78
C LYS A 360 13.86 9.29 2.15
N PRO A 361 14.56 8.18 2.44
CA PRO A 361 15.99 8.19 2.83
C PRO A 361 16.96 8.54 1.69
N TYR A 362 16.44 8.64 0.47
CA TYR A 362 17.23 9.08 -0.68
C TYR A 362 16.47 10.29 -1.23
N GLU A 363 16.92 10.84 -2.35
CA GLU A 363 16.43 12.14 -2.83
C GLU A 363 16.80 13.25 -1.84
CHA HEM B . -5.34 3.91 -0.19
CHB HEM B . -7.93 0.22 -2.03
CHC HEM B . -6.36 -2.68 1.53
CHD HEM B . -4.28 1.15 3.71
C1A HEM B . -6.04 3.07 -1.02
C2A HEM B . -6.35 3.44 -2.36
C3A HEM B . -7.10 2.43 -2.87
C4A HEM B . -7.22 1.40 -1.87
CMA HEM B . -7.67 2.38 -4.27
CAA HEM B . -5.94 4.74 -3.07
CBA HEM B . -4.53 4.50 -3.66
CGA HEM B . -4.05 5.58 -4.59
O1A HEM B . -4.85 6.27 -5.27
O2A HEM B . -2.80 5.79 -4.68
C1B HEM B . -7.71 -0.90 -1.23
C2B HEM B . -8.16 -2.21 -1.56
C3B HEM B . -7.73 -3.06 -0.58
C4B HEM B . -7.03 -2.18 0.41
CMB HEM B . -8.94 -2.68 -2.77
CAB HEM B . -7.99 -4.51 -0.57
CBB HEM B . -7.99 -5.27 0.55
C1C HEM B . -5.57 -1.92 2.38
C2C HEM B . -4.81 -2.41 3.46
C3C HEM B . -4.24 -1.32 4.10
C4C HEM B . -4.63 -0.15 3.37
CMC HEM B . -4.72 -3.89 3.79
CAC HEM B . -3.36 -1.30 5.31
CBC HEM B . -3.36 -2.26 6.26
C1D HEM B . -4.43 2.18 2.75
C2D HEM B . -3.76 3.48 2.96
C3D HEM B . -4.03 4.24 1.88
C4D HEM B . -4.89 3.40 1.03
CMD HEM B . -2.90 3.91 4.13
CAD HEM B . -3.59 5.67 1.65
CBD HEM B . -2.17 5.80 1.09
CGD HEM B . -1.79 7.26 0.99
O1D HEM B . -0.97 7.58 0.10
O2D HEM B . -2.23 8.13 1.78
NA HEM B . -6.59 1.83 -0.73
NB HEM B . -7.04 -0.91 -0.08
NC HEM B . -5.45 -0.56 2.36
ND HEM B . -5.10 2.16 1.55
FE HEM B . -6.25 0.74 0.92
N1 H4B C . -7.18 9.98 -5.30
C2 H4B C . -6.52 8.79 -5.28
N2 H4B C . -7.22 7.66 -4.92
N3 H4B C . -5.19 8.72 -5.64
C4 H4B C . -4.46 9.80 -5.99
O4 H4B C . -3.25 9.68 -6.31
C4A H4B C . -5.13 11.12 -6.00
C8A H4B C . -6.56 11.14 -5.63
N5 H4B C . -4.54 12.31 -6.34
N8 H4B C . -7.25 12.31 -5.62
C6 H4B C . -5.10 13.46 -5.67
C7 H4B C . -6.59 13.54 -5.99
C9 H4B C . -4.37 14.73 -6.05
O9 H4B C . -4.24 14.70 -7.48
C10 H4B C . -5.11 16.00 -5.61
C11 H4B C . -4.23 17.22 -5.85
O10 H4B C . -5.53 15.95 -4.23
CL CL D . 0.14 1.24 -7.45
S01 PQW E . -3.90 -1.70 -0.57
C02 PQW E . -2.57 -1.97 0.51
C03 PQW E . -1.39 -1.62 -0.17
C04 PQW E . -1.52 -1.13 -1.49
C05 PQW E . -2.90 -1.13 -1.84
C06 PQW E . -3.66 -0.69 -3.03
N07 PQW E . -3.21 0.42 -3.59
N08 PQW E . -4.71 -1.28 -3.50
N1' PQW E . -0.31 6.51 -2.85
C11 PQW E . -2.49 1.41 -2.99
C12 PQW E . -1.51 2.02 -3.75
C13 PQW E . -0.77 3.08 -3.24
C14 PQW E . -1.02 3.50 -1.94
C15 PQW E . -2.02 2.91 -1.16
C16 PQW E . -2.75 1.86 -1.70
O17 PQW E . -0.30 4.53 -1.43
C18 PQW E . 1.00 4.78 -1.94
C2' PQW E . 0.97 5.82 -3.03
S21 PQW E . 7.67 11.26 0.14
C22 PQW E . 8.02 9.64 0.65
C23 PQW E . 6.93 9.19 1.37
C24 PQW E . 5.85 10.08 1.51
C25 PQW E . 6.10 11.30 0.88
C26 PQW E . 5.30 12.55 0.71
N27 PQW E . 4.28 12.54 -0.16
N28 PQW E . 5.58 13.61 1.34
C3' PQW E . 2.09 6.83 -2.79
C31 PQW E . 4.23 11.65 -1.19
C32 PQW E . 5.30 11.51 -2.08
C33 PQW E . 5.27 10.61 -3.13
C34 PQW E . 4.12 9.84 -3.33
C35 PQW E . 3.04 9.96 -2.46
C36 PQW E . 3.09 10.87 -1.41
O37 PQW E . 1.91 9.22 -2.72
C4' PQW E . 1.46 8.03 -2.12
C5' PQW E . 0.04 7.92 -2.63
C1 GOL F . -0.46 11.28 5.19
O1 GOL F . 0.37 10.88 6.29
C2 GOL F . -1.82 10.56 5.15
O2 GOL F . -2.64 10.91 6.29
C3 GOL F . -1.62 9.05 5.07
O3 GOL F . -2.46 8.52 4.04
#